data_6FN9
#
_entry.id   6FN9
#
_cell.length_a   71.940
_cell.length_b   102.420
_cell.length_c   113.570
_cell.angle_alpha   90.000
_cell.angle_beta   90.000
_cell.angle_gamma   90.000
#
_symmetry.space_group_name_H-M   'P 21 21 21'
#
loop_
_entity.id
_entity.type
_entity.pdbx_description
1 polymer '14-3-3 protein zeta/delta'
2 non-polymer '[2-[2-oxidanylidene-2-[[3-[2-[2-[2-[3-oxidanylidene-3-(propylamino)propoxy]ethoxy]ethoxy]ethylcarbamoyl]phenyl]amino]ethoxy]phenyl]phosphonic acid'
3 non-polymer 'BENZOIC ACID'
4 non-polymer GLYCEROL
5 water water
#
_entity_poly.entity_id   1
_entity_poly.type   'polypeptide(L)'
_entity_poly.pdbx_seq_one_letter_code
;MDKNELVQKAKLAEQAERYDDMAACMKSVTEQGAELSNEERNLLSVAYKNVVGARRSSWRVVSSIEQKTEGAEKKQQMAR
EYREKIETELRDICNDVLSLLEKFLIPNASQAESKVFYLKMKGDYYRYLAEVAAGDDKKGIVDQSQQAYQEAFEISKKEM
QPTHPIRLGLALNFSVFYYEILNSPEKACSLAKTAFDEAIAELDTLSEESYKDSTLIMQLLRDNLTLWTS
;
_entity_poly.pdbx_strand_id   A,B
#
loop_
_chem_comp.id
_chem_comp.type
_chem_comp.name
_chem_comp.formula
BEZ non-polymer 'BENZOIC ACID' 'C7 H6 O2'
DW8 non-polymer '[2-[2-oxidanylidene-2-[[3-[2-[2-[2-[3-oxidanylidene-3-(propylamino)propoxy]ethoxy]ethoxy]ethylcarbamoyl]phenyl]amino]ethoxy]phenyl]phosphonic acid' 'C27 H38 N3 O10 P'
GOL non-polymer GLYCEROL 'C3 H8 O3'
#
# COMPACT_ATOMS: atom_id res chain seq x y z
N ASP A 2 -16.24 -23.90 -4.90
CA ASP A 2 -15.02 -24.71 -5.18
C ASP A 2 -13.78 -24.10 -4.54
N LYS A 3 -12.79 -24.94 -4.25
CA LYS A 3 -11.46 -24.49 -3.85
C LYS A 3 -10.82 -23.70 -4.99
N ASN A 4 -10.98 -24.21 -6.21
CA ASN A 4 -10.35 -23.62 -7.38
C ASN A 4 -10.76 -22.17 -7.62
N GLU A 5 -12.04 -21.87 -7.40
CA GLU A 5 -12.55 -20.52 -7.60
C GLU A 5 -11.92 -19.56 -6.59
N LEU A 6 -11.85 -19.98 -5.34
CA LEU A 6 -11.22 -19.18 -4.28
C LEU A 6 -9.75 -18.91 -4.60
N VAL A 7 -9.04 -19.91 -5.12
CA VAL A 7 -7.64 -19.76 -5.51
C VAL A 7 -7.48 -18.78 -6.67
N GLN A 8 -8.41 -18.82 -7.63
CA GLN A 8 -8.35 -17.90 -8.77
C GLN A 8 -8.69 -16.47 -8.33
N LYS A 9 -9.62 -16.33 -7.38
CA LYS A 9 -9.92 -15.03 -6.78
C LYS A 9 -8.71 -14.49 -6.02
N ALA A 10 -8.04 -15.36 -5.26
CA ALA A 10 -6.81 -15.00 -4.56
C ALA A 10 -5.76 -14.44 -5.52
N LYS A 11 -5.57 -15.13 -6.64
CA LYS A 11 -4.60 -14.69 -7.65
C LYS A 11 -4.99 -13.35 -8.27
N LEU A 12 -6.30 -13.12 -8.37
CA LEU A 12 -6.81 -11.89 -8.94
C LEU A 12 -6.62 -10.73 -7.96
N ALA A 13 -6.91 -11.00 -6.69
CA ALA A 13 -6.63 -10.06 -5.60
C ALA A 13 -5.15 -9.67 -5.56
N GLU A 14 -4.28 -10.67 -5.73
CA GLU A 14 -2.83 -10.44 -5.76
C GLU A 14 -2.46 -9.46 -6.88
N GLN A 15 -3.04 -9.67 -8.06
CA GLN A 15 -2.77 -8.81 -9.20
C GLN A 15 -3.25 -7.38 -8.91
N ALA A 16 -4.38 -7.25 -8.22
CA ALA A 16 -4.94 -5.96 -7.85
C ALA A 16 -4.25 -5.31 -6.64
N GLU A 17 -3.30 -6.03 -6.02
CA GLU A 17 -2.64 -5.59 -4.79
C GLU A 17 -3.63 -5.35 -3.65
N ARG A 18 -4.71 -6.15 -3.65
CA ARG A 18 -5.72 -6.10 -2.61
C ARG A 18 -5.51 -7.30 -1.71
N TYR A 19 -4.53 -7.18 -0.83
CA TYR A 19 -4.02 -8.32 -0.07
C TYR A 19 -4.92 -8.84 1.04
N ASP A 20 -5.76 -7.97 1.61
CA ASP A 20 -6.75 -8.40 2.60
C ASP A 20 -7.75 -9.37 1.94
N ASP A 21 -8.17 -9.04 0.72
CA ASP A 21 -9.02 -9.93 -0.07
C ASP A 21 -8.29 -11.25 -0.36
N MET A 22 -7.04 -11.15 -0.82
CA MET A 22 -6.21 -12.32 -1.07
C MET A 22 -6.10 -13.20 0.17
N ALA A 23 -5.86 -12.57 1.32
CA ALA A 23 -5.72 -13.29 2.59
C ALA A 23 -7.03 -13.98 2.97
N ALA A 24 -8.14 -13.27 2.81
CA ALA A 24 -9.46 -13.82 3.13
C ALA A 24 -9.75 -15.06 2.28
N CYS A 25 -9.41 -15.01 1.00
CA CYS A 25 -9.62 -16.14 0.09
C CYS A 25 -8.80 -17.37 0.50
N MET A 26 -7.52 -17.16 0.74
CA MET A 26 -6.62 -18.26 1.10
C MET A 26 -6.88 -18.79 2.50
N LYS A 27 -7.45 -17.96 3.38
CA LYS A 27 -7.87 -18.43 4.70
C LYS A 27 -8.96 -19.48 4.54
N SER A 28 -9.99 -19.16 3.78
CA SER A 28 -11.12 -20.05 3.61
C SER A 28 -10.74 -21.32 2.85
N VAL A 29 -9.81 -21.22 1.90
CA VAL A 29 -9.27 -22.40 1.23
C VAL A 29 -8.63 -23.32 2.26
N THR A 30 -7.75 -22.74 3.08
CA THR A 30 -7.10 -23.45 4.17
C THR A 30 -8.14 -24.13 5.07
N GLU A 31 -9.21 -23.41 5.38
CA GLU A 31 -10.27 -23.93 6.25
C GLU A 31 -11.08 -25.11 5.68
N GLN A 32 -10.92 -25.40 4.39
CA GLN A 32 -11.56 -26.57 3.78
C GLN A 32 -10.90 -27.88 4.23
N GLY A 33 -9.70 -27.78 4.82
CA GLY A 33 -9.09 -28.89 5.54
C GLY A 33 -8.20 -29.81 4.72
N ALA A 34 -8.08 -29.54 3.43
CA ALA A 34 -7.19 -30.31 2.57
C ALA A 34 -5.78 -29.69 2.58
N GLU A 35 -4.77 -30.55 2.48
CA GLU A 35 -3.39 -30.08 2.41
C GLU A 35 -3.21 -29.16 1.19
N LEU A 36 -2.63 -27.99 1.44
CA LEU A 36 -2.43 -26.99 0.39
C LEU A 36 -1.34 -27.42 -0.58
N SER A 37 -1.57 -27.16 -1.87
CA SER A 37 -0.54 -27.36 -2.88
C SER A 37 0.55 -26.32 -2.66
N ASN A 38 1.69 -26.52 -3.33
CA ASN A 38 2.81 -25.59 -3.20
C ASN A 38 2.42 -24.19 -3.65
N GLU A 39 1.67 -24.12 -4.75
CA GLU A 39 1.14 -22.84 -5.24
C GLU A 39 0.24 -22.18 -4.20
N GLU A 40 -0.66 -22.95 -3.61
CA GLU A 40 -1.61 -22.42 -2.62
C GLU A 40 -0.91 -21.95 -1.35
N ARG A 41 0.12 -22.71 -0.96
CA ARG A 41 0.96 -22.39 0.18
C ARG A 41 1.60 -21.02 0.04
N ASN A 42 2.21 -20.79 -1.13
CA ASN A 42 2.87 -19.52 -1.41
C ASN A 42 1.89 -18.36 -1.48
N LEU A 43 0.69 -18.61 -2.01
CA LEU A 43 -0.32 -17.56 -2.10
C LEU A 43 -0.75 -17.11 -0.71
N LEU A 44 -0.97 -18.06 0.19
CA LEU A 44 -1.32 -17.77 1.58
C LEU A 44 -0.24 -16.97 2.28
N SER A 45 1.00 -17.43 2.13
CA SER A 45 2.16 -16.81 2.74
C SER A 45 2.33 -15.37 2.24
N VAL A 46 2.32 -15.19 0.93
CA VAL A 46 2.45 -13.85 0.32
C VAL A 46 1.33 -12.92 0.78
N ALA A 47 0.11 -13.45 0.84
CA ALA A 47 -1.04 -12.67 1.24
C ALA A 47 -0.82 -12.09 2.63
N TYR A 48 -0.55 -12.97 3.59
CA TYR A 48 -0.45 -12.55 4.98
C TYR A 48 0.81 -11.75 5.25
N LYS A 49 1.89 -12.06 4.52
CA LYS A 49 3.13 -11.27 4.59
C LYS A 49 2.84 -9.78 4.36
N ASN A 50 2.05 -9.51 3.32
CA ASN A 50 1.67 -8.14 2.98
C ASN A 50 0.65 -7.54 3.94
N VAL A 51 -0.30 -8.35 4.39
CA VAL A 51 -1.32 -7.87 5.33
C VAL A 51 -0.67 -7.48 6.66
N VAL A 52 0.19 -8.36 7.19
CA VAL A 52 0.87 -8.08 8.45
C VAL A 52 1.97 -7.05 8.26
N GLY A 53 2.63 -7.09 7.10
CA GLY A 53 3.71 -6.17 6.79
C GLY A 53 3.31 -4.70 6.76
N ALA A 54 2.10 -4.42 6.28
CA ALA A 54 1.61 -3.05 6.24
C ALA A 54 1.54 -2.49 7.66
N ARG A 55 1.08 -3.33 8.59
CA ARG A 55 0.96 -2.93 9.99
C ARG A 55 2.31 -2.82 10.67
N ARG A 56 3.21 -3.75 10.38
CA ARG A 56 4.56 -3.71 10.96
C ARG A 56 5.26 -2.43 10.55
N SER A 57 5.24 -2.14 9.26
CA SER A 57 5.82 -0.92 8.71
C SER A 57 5.24 0.32 9.39
N SER A 58 3.90 0.39 9.47
CA SER A 58 3.23 1.49 10.14
C SER A 58 3.62 1.57 11.61
N TRP A 59 3.61 0.43 12.30
CA TRP A 59 3.98 0.37 13.71
C TRP A 59 5.36 0.95 13.96
N ARG A 60 6.29 0.65 13.06
CA ARG A 60 7.67 1.13 13.20
C ARG A 60 7.77 2.64 13.03
N VAL A 61 6.96 3.19 12.12
CA VAL A 61 6.93 4.63 11.91
C VAL A 61 6.35 5.36 13.12
N VAL A 62 5.22 4.88 13.63
CA VAL A 62 4.55 5.54 14.75
C VAL A 62 5.33 5.36 16.05
N SER A 63 5.94 4.19 16.23
CA SER A 63 6.76 3.91 17.40
C SER A 63 7.97 4.84 17.43
N SER A 64 8.57 5.05 16.26
CA SER A 64 9.72 5.96 16.12
C SER A 64 9.35 7.41 16.48
N ILE A 65 8.19 7.85 16.00
CA ILE A 65 7.68 9.19 16.31
C ILE A 65 7.41 9.35 17.80
N GLU A 66 6.81 8.35 18.41
CA GLU A 66 6.50 8.36 19.84
C GLU A 66 7.74 8.58 20.70
N GLN A 67 8.81 7.86 20.38
CA GLN A 67 10.06 7.95 21.15
C GLN A 67 10.85 9.22 20.85
N LYS A 68 10.72 9.75 19.64
CA LYS A 68 11.45 10.95 19.21
C LYS A 68 10.77 12.27 19.62
N THR A 69 9.64 12.20 20.33
CA THR A 69 8.96 13.39 20.83
C THR A 69 9.06 13.48 22.36
N GLU A 70 9.88 14.41 22.83
CA GLU A 70 10.13 14.58 24.27
C GLU A 70 9.16 15.57 24.92
N GLY A 71 8.95 16.71 24.26
CA GLY A 71 8.21 17.82 24.86
C GLY A 71 6.69 17.67 24.91
N ALA A 72 6.08 17.35 23.78
CA ALA A 72 4.62 17.30 23.66
C ALA A 72 4.05 16.04 24.30
N GLU A 73 3.44 16.18 25.48
CA GLU A 73 2.82 15.07 26.18
C GLU A 73 1.51 14.66 25.52
N LYS A 74 0.83 15.62 24.89
CA LYS A 74 -0.41 15.35 24.16
C LYS A 74 -0.12 14.65 22.83
N LYS A 75 0.99 15.01 22.19
CA LYS A 75 1.43 14.38 20.94
C LYS A 75 1.91 12.95 21.19
N GLN A 76 2.62 12.74 22.30
CA GLN A 76 3.04 11.39 22.70
C GLN A 76 1.84 10.49 22.99
N GLN A 77 0.90 11.00 23.79
CA GLN A 77 -0.30 10.24 24.13
C GLN A 77 -1.07 9.83 22.88
N MET A 78 -1.11 10.72 21.89
CA MET A 78 -1.77 10.44 20.61
C MET A 78 -1.05 9.32 19.87
N ALA A 79 0.27 9.47 19.73
CA ALA A 79 1.09 8.47 19.05
C ALA A 79 0.96 7.11 19.74
N ARG A 80 0.98 7.11 21.07
CA ARG A 80 0.83 5.89 21.85
C ARG A 80 -0.49 5.19 21.53
N GLU A 81 -1.59 5.95 21.59
CA GLU A 81 -2.91 5.38 21.34
C GLU A 81 -3.04 4.84 19.92
N TYR A 82 -2.38 5.51 18.96
CA TYR A 82 -2.38 5.05 17.59
C TYR A 82 -1.51 3.80 17.42
N ARG A 83 -0.39 3.76 18.13
CA ARG A 83 0.46 2.57 18.17
C ARG A 83 -0.38 1.36 18.61
N GLU A 84 -1.09 1.53 19.73
CA GLU A 84 -1.91 0.47 20.31
C GLU A 84 -3.04 0.03 19.39
N LYS A 85 -3.67 0.98 18.72
CA LYS A 85 -4.69 0.67 17.70
C LYS A 85 -4.09 -0.23 16.62
N ILE A 86 -2.93 0.17 16.11
CA ILE A 86 -2.20 -0.61 15.11
C ILE A 86 -1.75 -1.97 15.66
N GLU A 87 -1.35 -2.01 16.93
CA GLU A 87 -0.90 -3.25 17.54
C GLU A 87 -2.02 -4.28 17.59
N THR A 88 -3.24 -3.86 17.94
CA THR A 88 -4.34 -4.81 18.04
C THR A 88 -4.74 -5.34 16.65
N GLU A 89 -4.63 -4.49 15.62
CA GLU A 89 -4.76 -4.93 14.23
C GLU A 89 -3.73 -6.01 13.90
N LEU A 90 -2.48 -5.73 14.26
CA LEU A 90 -1.36 -6.62 13.97
C LEU A 90 -1.49 -7.95 14.71
N ARG A 91 -1.92 -7.88 15.97
CA ARG A 91 -2.09 -9.08 16.79
C ARG A 91 -3.21 -9.99 16.26
N ASP A 92 -4.32 -9.40 15.84
CA ASP A 92 -5.42 -10.17 15.26
C ASP A 92 -5.00 -10.90 14.00
N ILE A 93 -4.14 -10.27 13.19
CA ILE A 93 -3.62 -10.89 11.98
C ILE A 93 -2.74 -12.08 12.34
N CYS A 94 -1.78 -11.85 13.22
CA CYS A 94 -0.87 -12.89 13.68
C CYS A 94 -1.61 -14.06 14.30
N ASN A 95 -2.63 -13.75 15.11
CA ASN A 95 -3.45 -14.78 15.73
C ASN A 95 -4.27 -15.60 14.72
N ASP A 96 -4.79 -14.96 13.68
CA ASP A 96 -5.48 -15.69 12.60
C ASP A 96 -4.53 -16.68 11.92
N VAL A 97 -3.35 -16.19 11.54
CA VAL A 97 -2.35 -17.02 10.87
C VAL A 97 -1.92 -18.17 11.76
N LEU A 98 -1.62 -17.84 13.01
CA LEU A 98 -1.14 -18.83 13.97
C LEU A 98 -2.19 -19.92 14.24
N SER A 99 -3.47 -19.55 14.27
CA SER A 99 -4.52 -20.55 14.46
C SER A 99 -4.68 -21.41 13.20
N LEU A 100 -4.58 -20.81 12.01
CA LEU A 100 -4.56 -21.57 10.76
C LEU A 100 -3.41 -22.57 10.74
N LEU A 101 -2.26 -22.17 11.28
CA LEU A 101 -1.08 -23.03 11.33
C LEU A 101 -1.27 -24.22 12.27
N GLU A 102 -1.88 -23.98 13.43
CA GLU A 102 -2.12 -25.02 14.42
C GLU A 102 -3.21 -25.98 13.98
N LYS A 103 -4.35 -25.42 13.57
CA LYS A 103 -5.52 -26.23 13.22
C LYS A 103 -5.37 -27.04 11.93
N PHE A 104 -4.70 -26.49 10.93
CA PHE A 104 -4.71 -27.07 9.58
C PHE A 104 -3.33 -27.36 8.99
N LEU A 105 -2.49 -26.33 8.88
CA LEU A 105 -1.29 -26.41 8.06
C LEU A 105 -0.22 -27.36 8.59
N ILE A 106 0.11 -27.24 9.87
CA ILE A 106 1.18 -28.05 10.45
C ILE A 106 0.79 -29.53 10.63
N PRO A 107 -0.40 -29.80 11.19
CA PRO A 107 -0.79 -31.21 11.37
C PRO A 107 -0.94 -32.00 10.08
N ASN A 108 -1.33 -31.34 8.99
CA ASN A 108 -1.53 -32.00 7.69
C ASN A 108 -0.28 -32.02 6.80
N ALA A 109 0.76 -31.29 7.20
CA ALA A 109 1.99 -31.24 6.40
C ALA A 109 2.56 -32.66 6.28
N SER A 110 2.47 -33.22 5.07
CA SER A 110 2.86 -34.61 4.84
C SER A 110 4.29 -34.76 4.31
N GLN A 111 4.97 -33.65 4.05
CA GLN A 111 6.37 -33.64 3.61
C GLN A 111 7.23 -32.77 4.54
N ALA A 112 8.51 -33.09 4.65
CA ALA A 112 9.44 -32.29 5.45
C ALA A 112 9.50 -30.85 4.94
N GLU A 113 9.52 -30.71 3.62
CA GLU A 113 9.50 -29.40 2.97
C GLU A 113 8.35 -28.51 3.47
N SER A 114 7.15 -29.09 3.54
CA SER A 114 5.98 -28.37 4.02
C SER A 114 6.06 -28.06 5.51
N LYS A 115 6.44 -29.06 6.31
CA LYS A 115 6.44 -28.90 7.76
C LYS A 115 7.44 -27.82 8.18
N VAL A 116 8.61 -27.83 7.56
CA VAL A 116 9.63 -26.83 7.85
C VAL A 116 9.10 -25.43 7.49
N PHE A 117 8.53 -25.33 6.29
CA PHE A 117 7.92 -24.07 5.83
C PHE A 117 6.92 -23.53 6.84
N TYR A 118 5.99 -24.38 7.29
CA TYR A 118 4.93 -23.94 8.20
C TYR A 118 5.46 -23.67 9.60
N LEU A 119 6.47 -24.42 10.03
CA LEU A 119 7.07 -24.20 11.35
C LEU A 119 7.84 -22.87 11.33
N LYS A 120 8.64 -22.65 10.28
CA LYS A 120 9.31 -21.37 10.08
C LYS A 120 8.30 -20.23 10.14
N MET A 121 7.17 -20.43 9.44
CA MET A 121 6.09 -19.45 9.42
C MET A 121 5.53 -19.23 10.83
N LYS A 122 5.38 -20.30 11.60
CA LYS A 122 4.93 -20.18 12.99
C LYS A 122 5.93 -19.33 13.79
N GLY A 123 7.22 -19.61 13.59
CA GLY A 123 8.27 -18.84 14.23
C GLY A 123 8.22 -17.36 13.85
N ASP A 124 7.98 -17.09 12.57
CA ASP A 124 7.91 -15.72 12.06
C ASP A 124 6.79 -14.92 12.70
N TYR A 125 5.62 -15.53 12.84
CA TYR A 125 4.45 -14.79 13.29
C TYR A 125 4.44 -14.61 14.81
N TYR A 126 5.02 -15.56 15.55
CA TYR A 126 5.26 -15.33 16.97
C TYR A 126 6.33 -14.23 17.12
N ARG A 127 7.33 -14.24 16.25
CA ARG A 127 8.34 -13.19 16.24
C ARG A 127 7.68 -11.81 16.03
N TYR A 128 6.76 -11.72 15.08
CA TYR A 128 6.06 -10.44 14.85
C TYR A 128 5.24 -10.03 16.07
N LEU A 129 4.70 -11.00 16.80
CA LEU A 129 4.02 -10.70 18.06
C LEU A 129 5.01 -10.26 19.14
N ALA A 130 6.21 -10.81 19.08
CA ALA A 130 7.27 -10.45 20.02
C ALA A 130 7.76 -9.02 19.81
N GLU A 131 7.88 -8.60 18.55
CA GLU A 131 8.24 -7.22 18.19
C GLU A 131 7.38 -6.18 18.91
N VAL A 132 6.12 -6.53 19.16
CA VAL A 132 5.12 -5.61 19.67
C VAL A 132 4.62 -6.02 21.08
N ALA A 133 5.29 -6.99 21.70
CA ALA A 133 4.80 -7.57 22.95
C ALA A 133 5.12 -6.70 24.16
N ALA A 134 4.18 -6.65 25.11
CA ALA A 134 4.37 -5.99 26.39
C ALA A 134 5.30 -6.82 27.28
N GLY A 135 6.04 -6.14 28.15
CA GLY A 135 7.09 -6.78 28.98
C GLY A 135 6.78 -8.14 29.59
N ASP A 136 5.56 -8.33 30.08
CA ASP A 136 5.19 -9.54 30.82
C ASP A 136 4.98 -10.75 29.91
N ASP A 137 4.19 -10.56 28.86
CA ASP A 137 3.86 -11.64 27.92
C ASP A 137 5.00 -11.95 26.95
N LYS A 138 5.97 -11.04 26.84
CA LYS A 138 7.02 -11.13 25.83
C LYS A 138 7.85 -12.40 25.93
N LYS A 139 8.28 -12.75 27.15
CA LYS A 139 9.16 -13.90 27.35
C LYS A 139 8.51 -15.19 26.83
N GLY A 140 7.21 -15.34 27.09
CA GLY A 140 6.47 -16.51 26.63
C GLY A 140 6.27 -16.55 25.12
N ILE A 141 6.04 -15.39 24.52
CA ILE A 141 5.86 -15.28 23.08
C ILE A 141 7.18 -15.56 22.37
N VAL A 142 8.27 -15.03 22.92
CA VAL A 142 9.62 -15.27 22.38
C VAL A 142 9.97 -16.76 22.41
N ASP A 143 9.55 -17.48 23.45
CA ASP A 143 9.84 -18.91 23.57
C ASP A 143 9.06 -19.72 22.54
N GLN A 144 7.82 -19.34 22.29
CA GLN A 144 7.02 -20.00 21.25
C GLN A 144 7.64 -19.79 19.86
N SER A 145 8.14 -18.59 19.61
CA SER A 145 8.84 -18.29 18.36
C SER A 145 10.07 -19.17 18.22
N GLN A 146 10.87 -19.24 19.29
CA GLN A 146 12.11 -19.99 19.28
C GLN A 146 11.89 -21.50 19.12
N GLN A 147 10.87 -22.03 19.78
CA GLN A 147 10.57 -23.46 19.70
C GLN A 147 10.15 -23.85 18.28
N ALA A 148 9.32 -23.02 17.66
CA ALA A 148 8.85 -23.26 16.30
C ALA A 148 10.04 -23.32 15.35
N TYR A 149 10.86 -22.26 15.37
CA TYR A 149 12.09 -22.20 14.57
C TYR A 149 13.00 -23.39 14.81
N GLN A 150 13.15 -23.77 16.08
CA GLN A 150 14.11 -24.82 16.46
C GLN A 150 13.67 -26.16 15.89
N GLU A 151 12.39 -26.48 16.01
CA GLU A 151 11.86 -27.70 15.43
C GLU A 151 12.01 -27.70 13.91
N ALA A 152 11.65 -26.58 13.28
CA ALA A 152 11.86 -26.40 11.84
C ALA A 152 13.32 -26.61 11.48
N PHE A 153 14.21 -26.03 12.27
CA PHE A 153 15.66 -26.15 12.06
C PHE A 153 16.13 -27.61 12.16
N GLU A 154 15.57 -28.37 13.10
CA GLU A 154 15.96 -29.78 13.29
C GLU A 154 15.59 -30.63 12.08
N ILE A 155 14.36 -30.46 11.61
CA ILE A 155 13.85 -31.23 10.49
C ILE A 155 14.58 -30.88 9.20
N SER A 156 14.85 -29.59 8.98
CA SER A 156 15.54 -29.17 7.76
C SER A 156 16.98 -29.70 7.73
N LYS A 157 17.62 -29.75 8.90
CA LYS A 157 18.98 -30.32 9.00
C LYS A 157 18.99 -31.80 8.60
N LYS A 158 17.98 -32.54 9.04
CA LYS A 158 17.92 -33.98 8.77
C LYS A 158 17.43 -34.31 7.36
N GLU A 159 16.41 -33.60 6.88
CA GLU A 159 15.69 -33.98 5.65
C GLU A 159 16.05 -33.21 4.38
N MET A 160 16.59 -32.01 4.51
CA MET A 160 16.77 -31.12 3.35
C MET A 160 18.25 -30.81 3.09
N GLN A 161 18.57 -30.59 1.81
CA GLN A 161 19.93 -30.24 1.41
C GLN A 161 20.26 -28.82 1.90
N PRO A 162 21.54 -28.56 2.23
CA PRO A 162 21.97 -27.22 2.69
C PRO A 162 21.67 -26.07 1.72
N THR A 163 21.65 -26.36 0.42
CA THR A 163 21.36 -25.38 -0.60
C THR A 163 19.86 -25.17 -0.84
N HIS A 164 19.01 -25.92 -0.14
CA HIS A 164 17.57 -25.78 -0.32
C HIS A 164 17.10 -24.40 0.14
N PRO A 165 16.31 -23.69 -0.70
CA PRO A 165 15.91 -22.33 -0.36
C PRO A 165 15.12 -22.18 0.94
N ILE A 166 14.33 -23.20 1.29
CA ILE A 166 13.57 -23.18 2.53
C ILE A 166 14.46 -23.41 3.76
N ARG A 167 15.51 -24.19 3.60
CA ARG A 167 16.50 -24.36 4.66
C ARG A 167 17.29 -23.08 4.84
N LEU A 168 17.78 -22.52 3.74
CA LEU A 168 18.51 -21.25 3.76
C LEU A 168 17.63 -20.15 4.31
N GLY A 169 16.38 -20.09 3.85
CA GLY A 169 15.44 -19.08 4.31
C GLY A 169 15.18 -19.16 5.82
N LEU A 170 15.11 -20.38 6.34
CA LEU A 170 14.89 -20.59 7.78
C LEU A 170 16.08 -20.09 8.57
N ALA A 171 17.28 -20.38 8.07
CA ALA A 171 18.52 -19.90 8.67
C ALA A 171 18.57 -18.37 8.72
N LEU A 172 18.13 -17.73 7.64
CA LEU A 172 18.09 -16.27 7.58
C LEU A 172 17.18 -15.72 8.68
N ASN A 173 15.92 -16.18 8.69
CA ASN A 173 14.94 -15.68 9.66
C ASN A 173 15.29 -16.02 11.11
N PHE A 174 15.84 -17.21 11.34
CA PHE A 174 16.17 -17.65 12.69
C PHE A 174 17.35 -16.84 13.22
N SER A 175 18.33 -16.57 12.36
CA SER A 175 19.45 -15.72 12.72
C SER A 175 18.98 -14.30 13.04
N VAL A 176 18.02 -13.80 12.25
CA VAL A 176 17.40 -12.50 12.52
C VAL A 176 16.64 -12.50 13.86
N PHE A 177 16.04 -13.63 14.20
CA PHE A 177 15.36 -13.78 15.50
C PHE A 177 16.38 -13.61 16.62
N TYR A 178 17.50 -14.32 16.51
CA TYR A 178 18.56 -14.24 17.51
C TYR A 178 19.11 -12.83 17.66
N TYR A 179 19.30 -12.12 16.54
CA TYR A 179 19.85 -10.77 16.60
C TYR A 179 18.86 -9.74 17.13
N GLU A 180 17.64 -9.75 16.60
CA GLU A 180 16.68 -8.68 16.87
C GLU A 180 15.77 -8.94 18.06
N ILE A 181 15.46 -10.21 18.33
CA ILE A 181 14.52 -10.54 19.41
C ILE A 181 15.25 -10.97 20.67
N LEU A 182 16.32 -11.74 20.51
CA LEU A 182 17.05 -12.32 21.64
C LEU A 182 18.32 -11.54 21.97
N ASN A 183 18.63 -10.52 21.17
CA ASN A 183 19.85 -9.73 21.34
C ASN A 183 21.06 -10.64 21.59
N SER A 184 21.25 -11.60 20.68
CA SER A 184 22.33 -12.57 20.75
C SER A 184 23.13 -12.59 19.45
N PRO A 185 23.87 -11.50 19.18
CA PRO A 185 24.58 -11.36 17.90
C PRO A 185 25.56 -12.48 17.55
N GLU A 186 26.21 -13.07 18.55
CA GLU A 186 27.17 -14.14 18.31
C GLU A 186 26.47 -15.41 17.83
N LYS A 187 25.34 -15.74 18.46
CA LYS A 187 24.53 -16.87 18.04
C LYS A 187 23.97 -16.62 16.64
N ALA A 188 23.47 -15.42 16.40
CA ALA A 188 22.95 -15.02 15.09
C ALA A 188 23.99 -15.18 14.00
N CYS A 189 25.21 -14.72 14.28
CA CYS A 189 26.31 -14.81 13.31
C CYS A 189 26.74 -16.25 13.04
N SER A 190 26.84 -17.07 14.09
CA SER A 190 27.28 -18.45 13.92
C SER A 190 26.24 -19.22 13.09
N LEU A 191 24.97 -19.03 13.41
CA LEU A 191 23.89 -19.68 12.67
C LEU A 191 23.94 -19.27 11.18
N ALA A 192 24.09 -17.98 10.92
CA ALA A 192 24.15 -17.48 9.55
C ALA A 192 25.41 -17.96 8.81
N LYS A 193 26.55 -17.89 9.48
CA LYS A 193 27.81 -18.30 8.86
C LYS A 193 27.85 -19.78 8.51
N THR A 194 27.37 -20.64 9.42
CA THR A 194 27.41 -22.09 9.17
C THR A 194 26.43 -22.50 8.07
N ALA A 195 25.25 -21.89 8.02
CA ALA A 195 24.30 -22.11 6.91
C ALA A 195 24.87 -21.66 5.56
N PHE A 196 25.56 -20.52 5.55
CA PHE A 196 26.25 -20.05 4.35
C PHE A 196 27.34 -21.03 3.94
N ASP A 197 28.23 -21.36 4.88
CA ASP A 197 29.34 -22.27 4.62
C ASP A 197 28.88 -23.66 4.17
N GLU A 198 27.87 -24.20 4.84
CA GLU A 198 27.32 -25.51 4.46
C GLU A 198 26.77 -25.50 3.03
N ALA A 199 26.10 -24.41 2.67
CA ALA A 199 25.61 -24.23 1.28
C ALA A 199 26.78 -24.19 0.29
N ILE A 200 27.82 -23.42 0.61
CA ILE A 200 29.01 -23.32 -0.24
C ILE A 200 29.70 -24.66 -0.46
N ALA A 201 29.75 -25.48 0.60
CA ALA A 201 30.39 -26.80 0.52
C ALA A 201 29.68 -27.74 -0.46
N GLU A 202 28.35 -27.68 -0.50
CA GLU A 202 27.57 -28.56 -1.37
C GLU A 202 26.95 -27.81 -2.54
N LEU A 203 27.77 -27.08 -3.29
CA LEU A 203 27.28 -26.37 -4.46
C LEU A 203 26.88 -27.31 -5.60
N ASP A 204 27.46 -28.51 -5.63
CA ASP A 204 27.11 -29.54 -6.63
C ASP A 204 25.66 -30.03 -6.54
N THR A 205 25.09 -30.05 -5.33
CA THR A 205 23.71 -30.54 -5.13
C THR A 205 22.64 -29.44 -5.25
N LEU A 206 22.93 -28.40 -6.04
CA LEU A 206 21.98 -27.32 -6.31
C LEU A 206 21.21 -27.64 -7.60
N SER A 207 19.89 -27.76 -7.50
CA SER A 207 19.06 -28.13 -8.65
C SER A 207 18.87 -26.97 -9.62
N GLU A 208 18.59 -27.31 -10.88
CA GLU A 208 18.49 -26.32 -11.97
C GLU A 208 17.39 -25.27 -11.74
N GLU A 209 16.27 -25.68 -11.16
CA GLU A 209 15.15 -24.77 -10.92
C GLU A 209 15.51 -23.69 -9.91
N SER A 210 15.88 -24.10 -8.71
CA SER A 210 16.25 -23.16 -7.66
C SER A 210 17.75 -22.86 -7.68
N LYS A 212 18.77 -19.60 -8.37
CA LYS A 212 18.87 -18.20 -8.01
C LYS A 212 18.39 -17.96 -6.58
N ASP A 213 17.20 -18.43 -6.27
CA ASP A 213 16.63 -18.27 -4.94
C ASP A 213 17.66 -18.58 -3.86
N SER A 214 18.25 -19.77 -3.95
CA SER A 214 19.25 -20.20 -2.98
C SER A 214 20.41 -19.20 -2.88
N THR A 215 20.94 -18.82 -4.04
CA THR A 215 22.07 -17.89 -4.09
C THR A 215 21.67 -16.49 -3.64
N LEU A 216 20.41 -16.10 -3.85
CA LEU A 216 19.93 -14.80 -3.35
C LEU A 216 19.93 -14.80 -1.82
N ILE A 217 19.48 -15.90 -1.22
CA ILE A 217 19.38 -15.98 0.24
C ILE A 217 20.77 -16.08 0.88
N MET A 218 21.67 -16.84 0.25
CA MET A 218 23.06 -16.89 0.69
C MET A 218 23.64 -15.47 0.74
N GLN A 219 23.42 -14.70 -0.31
CA GLN A 219 23.85 -13.31 -0.34
C GLN A 219 23.27 -12.49 0.81
N LEU A 220 21.98 -12.70 1.12
CA LEU A 220 21.34 -12.02 2.25
C LEU A 220 21.98 -12.45 3.57
N LEU A 221 22.27 -13.74 3.71
CA LEU A 221 22.93 -14.25 4.91
C LEU A 221 24.26 -13.55 5.14
N ARG A 222 25.08 -13.47 4.10
CA ARG A 222 26.41 -12.87 4.22
C ARG A 222 26.33 -11.35 4.39
N ASP A 223 25.31 -10.71 3.83
CA ASP A 223 25.08 -9.28 4.06
C ASP A 223 24.84 -9.00 5.55
N ASN A 224 24.08 -9.87 6.20
CA ASN A 224 23.81 -9.75 7.62
C ASN A 224 25.08 -9.99 8.45
N LEU A 225 25.89 -10.96 8.04
CA LEU A 225 27.16 -11.21 8.71
C LEU A 225 28.03 -9.96 8.71
N THR A 226 28.27 -9.39 7.54
CA THR A 226 29.13 -8.22 7.41
C THR A 226 28.52 -7.01 8.13
N LEU A 227 27.19 -6.85 8.06
CA LEU A 227 26.50 -5.80 8.80
C LEU A 227 26.74 -5.96 10.31
N TRP A 228 26.52 -7.17 10.82
CA TRP A 228 26.61 -7.44 12.25
C TRP A 228 28.04 -7.52 12.79
N THR A 229 29.01 -7.77 11.90
CA THR A 229 30.41 -7.90 12.32
C THR A 229 31.03 -6.54 12.65
N SER A 230 30.85 -5.58 11.74
CA SER A 230 31.40 -4.22 11.84
C SER A 230 32.01 -3.86 13.21
N MET B 1 -13.87 15.89 19.51
CA MET B 1 -12.51 16.08 18.93
C MET B 1 -12.40 17.45 18.26
N ASP B 2 -11.48 18.29 18.74
CA ASP B 2 -11.23 19.59 18.14
C ASP B 2 -10.38 19.47 16.87
N LYS B 3 -10.43 20.50 16.03
CA LYS B 3 -9.81 20.48 14.70
C LYS B 3 -8.32 20.15 14.74
N ASN B 4 -7.60 20.76 15.69
CA ASN B 4 -6.15 20.61 15.75
C ASN B 4 -5.70 19.18 16.10
N GLU B 5 -6.46 18.52 16.97
CA GLU B 5 -6.19 17.12 17.30
C GLU B 5 -6.35 16.24 16.06
N LEU B 6 -7.45 16.45 15.33
CA LEU B 6 -7.74 15.70 14.12
C LEU B 6 -6.67 15.87 13.04
N VAL B 7 -6.15 17.10 12.92
CA VAL B 7 -5.13 17.40 11.92
C VAL B 7 -3.81 16.73 12.26
N GLN B 8 -3.47 16.66 13.55
CA GLN B 8 -2.25 15.98 13.99
C GLN B 8 -2.37 14.48 13.78
N LYS B 9 -3.56 13.93 14.04
CA LYS B 9 -3.84 12.52 13.74
C LYS B 9 -3.70 12.23 12.25
N ALA B 10 -4.30 13.10 11.43
CA ALA B 10 -4.18 13.01 9.98
C ALA B 10 -2.72 12.92 9.54
N LYS B 11 -1.87 13.74 10.15
CA LYS B 11 -0.43 13.75 9.86
C LYS B 11 0.28 12.47 10.32
N LEU B 12 -0.13 11.93 11.46
CA LEU B 12 0.36 10.62 11.91
C LEU B 12 -0.03 9.55 10.91
N ALA B 13 -1.32 9.52 10.59
CA ALA B 13 -1.86 8.58 9.62
C ALA B 13 -1.08 8.63 8.30
N GLU B 14 -0.78 9.84 7.82
CA GLU B 14 -0.01 10.00 6.59
C GLU B 14 1.33 9.29 6.68
N GLN B 15 2.09 9.58 7.73
CA GLN B 15 3.41 8.99 7.90
C GLN B 15 3.36 7.48 8.06
N ALA B 16 2.27 6.98 8.64
CA ALA B 16 2.03 5.54 8.75
C ALA B 16 1.57 4.91 7.42
N GLU B 17 1.39 5.73 6.38
CA GLU B 17 0.79 5.31 5.11
C GLU B 17 -0.57 4.62 5.33
N ARG B 18 -1.32 5.13 6.29
CA ARG B 18 -2.67 4.66 6.57
C ARG B 18 -3.65 5.74 6.10
N TYR B 19 -3.94 5.72 4.81
CA TYR B 19 -4.64 6.80 4.14
C TYR B 19 -6.16 6.81 4.38
N ASP B 20 -6.74 5.64 4.65
CA ASP B 20 -8.15 5.59 5.05
C ASP B 20 -8.35 6.38 6.34
N ASP B 21 -7.51 6.09 7.34
CA ASP B 21 -7.51 6.85 8.60
C ASP B 21 -7.34 8.34 8.32
N MET B 22 -6.35 8.67 7.49
CA MET B 22 -6.07 10.06 7.13
C MET B 22 -7.29 10.74 6.51
N ALA B 23 -7.99 10.03 5.63
CA ALA B 23 -9.17 10.57 4.96
C ALA B 23 -10.29 10.81 5.96
N ALA B 24 -10.49 9.87 6.88
CA ALA B 24 -11.54 9.99 7.89
C ALA B 24 -11.29 11.20 8.78
N CYS B 25 -10.04 11.41 9.17
CA CYS B 25 -9.67 12.56 10.00
C CYS B 25 -9.99 13.87 9.30
N MET B 26 -9.51 14.01 8.06
CA MET B 26 -9.73 15.24 7.29
C MET B 26 -11.17 15.41 6.80
N LYS B 27 -11.90 14.30 6.70
CA LYS B 27 -13.34 14.38 6.43
C LYS B 27 -14.04 15.05 7.61
N SER B 28 -13.74 14.57 8.82
CA SER B 28 -14.37 15.11 10.02
C SER B 28 -13.96 16.56 10.28
N VAL B 29 -12.72 16.91 9.96
CA VAL B 29 -12.25 18.29 10.04
C VAL B 29 -13.08 19.18 9.10
N THR B 30 -13.26 18.72 7.86
CA THR B 30 -14.03 19.47 6.87
C THR B 30 -15.49 19.65 7.32
N GLU B 31 -16.05 18.62 7.92
CA GLU B 31 -17.44 18.65 8.38
C GLU B 31 -17.73 19.64 9.52
N GLN B 32 -16.68 20.14 10.17
CA GLN B 32 -16.86 21.16 11.22
C GLN B 32 -17.35 22.50 10.65
N GLY B 33 -17.14 22.71 9.36
CA GLY B 33 -17.75 23.82 8.64
C GLY B 33 -16.87 25.05 8.46
N ALA B 34 -15.71 25.07 9.11
CA ALA B 34 -14.77 26.18 8.96
C ALA B 34 -13.94 26.01 7.68
N GLU B 35 -13.68 27.10 6.99
CA GLU B 35 -12.83 27.10 5.80
C GLU B 35 -11.47 26.47 6.14
N LEU B 36 -11.03 25.53 5.31
CA LEU B 36 -9.75 24.87 5.52
C LEU B 36 -8.59 25.80 5.15
N SER B 37 -7.49 25.69 5.89
CA SER B 37 -6.24 26.34 5.54
C SER B 37 -5.55 25.59 4.39
N ASN B 38 -4.48 26.17 3.88
CA ASN B 38 -3.69 25.56 2.82
C ASN B 38 -3.19 24.17 3.26
N GLU B 39 -2.61 24.10 4.45
CA GLU B 39 -2.15 22.82 5.01
C GLU B 39 -3.27 21.80 5.10
N GLU B 40 -4.44 22.23 5.58
CA GLU B 40 -5.55 21.32 5.82
C GLU B 40 -6.12 20.75 4.54
N ARG B 41 -6.27 21.59 3.52
CA ARG B 41 -6.84 21.14 2.25
C ARG B 41 -5.87 20.23 1.49
N ASN B 42 -4.57 20.51 1.60
CA ASN B 42 -3.55 19.64 1.05
C ASN B 42 -3.55 18.26 1.71
N LEU B 43 -3.81 18.20 3.02
CA LEU B 43 -3.94 16.93 3.72
C LEU B 43 -5.20 16.19 3.27
N LEU B 44 -6.30 16.91 3.11
CA LEU B 44 -7.53 16.33 2.57
C LEU B 44 -7.29 15.80 1.16
N SER B 45 -6.52 16.54 0.37
CA SER B 45 -6.27 16.18 -1.02
C SER B 45 -5.38 14.94 -1.13
N VAL B 46 -4.31 14.93 -0.36
CA VAL B 46 -3.38 13.80 -0.36
C VAL B 46 -4.06 12.53 0.15
N ALA B 47 -4.86 12.67 1.20
CA ALA B 47 -5.55 11.54 1.81
C ALA B 47 -6.43 10.82 0.80
N TYR B 48 -7.33 11.58 0.16
CA TYR B 48 -8.29 11.01 -0.78
C TYR B 48 -7.67 10.62 -2.12
N LYS B 49 -6.61 11.32 -2.53
CA LYS B 49 -5.88 10.94 -3.73
C LYS B 49 -5.35 9.52 -3.59
N ASN B 50 -4.83 9.19 -2.40
CA ASN B 50 -4.29 7.87 -2.14
C ASN B 50 -5.39 6.83 -1.93
N VAL B 51 -6.49 7.24 -1.33
CA VAL B 51 -7.60 6.32 -1.06
C VAL B 51 -8.29 5.90 -2.36
N VAL B 52 -8.57 6.86 -3.23
CA VAL B 52 -9.19 6.59 -4.52
C VAL B 52 -8.17 5.96 -5.46
N GLY B 53 -6.92 6.42 -5.36
CA GLY B 53 -5.85 5.93 -6.22
C GLY B 53 -5.67 4.43 -6.13
N ALA B 54 -5.74 3.90 -4.91
CA ALA B 54 -5.59 2.47 -4.70
C ALA B 54 -6.66 1.70 -5.50
N ARG B 55 -7.90 2.17 -5.44
CA ARG B 55 -9.00 1.52 -6.16
C ARG B 55 -8.85 1.69 -7.67
N ARG B 56 -8.42 2.87 -8.09
CA ARG B 56 -8.20 3.12 -9.52
C ARG B 56 -7.14 2.19 -10.08
N SER B 57 -6.01 2.10 -9.40
CA SER B 57 -4.92 1.21 -9.79
C SER B 57 -5.41 -0.24 -9.87
N SER B 58 -6.14 -0.68 -8.85
CA SER B 58 -6.71 -2.02 -8.83
C SER B 58 -7.69 -2.21 -10.00
N TRP B 59 -8.57 -1.25 -10.21
CA TRP B 59 -9.56 -1.29 -11.30
C TRP B 59 -8.91 -1.49 -12.66
N ARG B 60 -7.81 -0.78 -12.90
CA ARG B 60 -7.10 -0.87 -14.18
C ARG B 60 -6.53 -2.26 -14.41
N VAL B 61 -5.95 -2.86 -13.36
CA VAL B 61 -5.39 -4.20 -13.45
C VAL B 61 -6.47 -5.24 -13.76
N VAL B 62 -7.60 -5.15 -13.06
CA VAL B 62 -8.66 -6.15 -13.15
C VAL B 62 -9.49 -6.00 -14.43
N SER B 63 -9.77 -4.76 -14.83
CA SER B 63 -10.50 -4.52 -16.09
C SER B 63 -9.68 -5.00 -17.28
N SER B 64 -8.36 -4.81 -17.22
CA SER B 64 -7.46 -5.31 -18.24
C SER B 64 -7.52 -6.84 -18.35
N ILE B 65 -7.41 -7.51 -17.20
CA ILE B 65 -7.51 -8.97 -17.13
C ILE B 65 -8.84 -9.48 -17.68
N GLU B 66 -9.92 -8.74 -17.44
CA GLU B 66 -11.23 -9.07 -17.98
C GLU B 66 -11.25 -9.06 -19.50
N GLN B 67 -10.56 -8.07 -20.10
CA GLN B 67 -10.43 -7.98 -21.56
C GLN B 67 -9.57 -9.11 -22.13
N LYS B 68 -8.42 -9.36 -21.48
CA LYS B 68 -7.45 -10.33 -21.99
C LYS B 68 -7.94 -11.80 -21.96
N THR B 69 -9.06 -12.06 -21.29
CA THR B 69 -9.66 -13.40 -21.29
C THR B 69 -10.61 -13.57 -22.49
N GLU B 73 -14.99 -17.45 -20.61
CA GLU B 73 -14.82 -18.44 -19.55
C GLU B 73 -15.55 -18.04 -18.27
N LYS B 74 -15.43 -18.88 -17.23
CA LYS B 74 -15.93 -18.57 -15.90
C LYS B 74 -15.02 -17.55 -15.21
N LYS B 75 -13.77 -17.47 -15.67
CA LYS B 75 -12.80 -16.48 -15.20
C LYS B 75 -13.24 -15.05 -15.51
N GLN B 76 -13.93 -14.87 -16.63
CA GLN B 76 -14.40 -13.54 -17.05
C GLN B 76 -15.47 -13.01 -16.11
N GLN B 77 -16.45 -13.85 -15.79
CA GLN B 77 -17.52 -13.46 -14.87
C GLN B 77 -16.96 -13.10 -13.50
N MET B 78 -15.90 -13.80 -13.08
CA MET B 78 -15.22 -13.52 -11.82
C MET B 78 -14.52 -12.17 -11.86
N ALA B 79 -13.76 -11.94 -12.92
CA ALA B 79 -13.05 -10.67 -13.12
C ALA B 79 -14.03 -9.50 -13.26
N ARG B 80 -15.15 -9.75 -13.93
CA ARG B 80 -16.23 -8.77 -14.05
C ARG B 80 -16.77 -8.40 -12.68
N GLU B 81 -17.17 -9.42 -11.93
CA GLU B 81 -17.74 -9.20 -10.59
C GLU B 81 -16.76 -8.51 -9.63
N TYR B 82 -15.48 -8.81 -9.75
CA TYR B 82 -14.47 -8.20 -8.89
C TYR B 82 -14.28 -6.74 -9.27
N ARG B 83 -14.22 -6.46 -10.58
CA ARG B 83 -14.22 -5.07 -11.06
C ARG B 83 -15.40 -4.29 -10.51
N GLU B 84 -16.59 -4.87 -10.58
CA GLU B 84 -17.81 -4.22 -10.08
C GLU B 84 -17.74 -3.92 -8.57
N LYS B 85 -17.16 -4.84 -7.81
CA LYS B 85 -16.96 -4.63 -6.38
C LYS B 85 -16.00 -3.45 -6.15
N ILE B 86 -14.92 -3.43 -6.91
CA ILE B 86 -13.93 -2.35 -6.81
C ILE B 86 -14.53 -1.02 -7.25
N GLU B 87 -15.39 -1.06 -8.27
CA GLU B 87 -16.05 0.13 -8.79
C GLU B 87 -16.96 0.80 -7.75
N THR B 88 -17.70 0.01 -6.98
CA THR B 88 -18.63 0.56 -6.00
C THR B 88 -17.87 1.20 -4.84
N GLU B 89 -16.75 0.59 -4.44
CA GLU B 89 -15.84 1.21 -3.49
C GLU B 89 -15.36 2.56 -4.04
N LEU B 90 -14.97 2.56 -5.31
CA LEU B 90 -14.44 3.76 -5.98
C LEU B 90 -15.50 4.87 -6.06
N ARG B 91 -16.72 4.50 -6.43
CA ARG B 91 -17.82 5.47 -6.51
C ARG B 91 -18.16 6.07 -5.15
N ASP B 92 -18.20 5.22 -4.11
CA ASP B 92 -18.53 5.69 -2.77
C ASP B 92 -17.51 6.70 -2.27
N ILE B 93 -16.24 6.49 -2.62
CA ILE B 93 -15.17 7.42 -2.25
C ILE B 93 -15.30 8.74 -3.01
N CYS B 94 -15.53 8.65 -4.32
CA CYS B 94 -15.72 9.83 -5.14
C CYS B 94 -16.90 10.67 -4.68
N ASN B 95 -18.02 10.01 -4.41
CA ASN B 95 -19.21 10.70 -3.93
C ASN B 95 -18.99 11.33 -2.55
N ASP B 96 -18.19 10.68 -1.71
CA ASP B 96 -17.80 11.26 -0.42
C ASP B 96 -17.12 12.60 -0.65
N VAL B 97 -16.06 12.59 -1.44
CA VAL B 97 -15.28 13.78 -1.74
C VAL B 97 -16.14 14.86 -2.40
N LEU B 98 -16.94 14.46 -3.38
CA LEU B 98 -17.76 15.40 -4.13
C LEU B 98 -18.80 16.10 -3.26
N SER B 99 -19.32 15.41 -2.26
CA SER B 99 -20.32 16.03 -1.38
C SER B 99 -19.63 16.94 -0.35
N LEU B 100 -18.40 16.60 0.05
CA LEU B 100 -17.60 17.53 0.85
C LEU B 100 -17.35 18.81 0.06
N LEU B 101 -17.06 18.67 -1.23
CA LEU B 101 -16.85 19.81 -2.11
C LEU B 101 -18.11 20.70 -2.24
N GLU B 102 -19.28 20.08 -2.37
CA GLU B 102 -20.52 20.85 -2.56
C GLU B 102 -21.02 21.49 -1.27
N LYS B 103 -20.99 20.73 -0.18
CA LYS B 103 -21.57 21.18 1.09
C LYS B 103 -20.68 22.15 1.88
N PHE B 104 -19.35 21.99 1.77
CA PHE B 104 -18.42 22.72 2.63
C PHE B 104 -17.33 23.51 1.90
N LEU B 105 -16.55 22.82 1.08
CA LEU B 105 -15.31 23.39 0.55
C LEU B 105 -15.52 24.54 -0.46
N ILE B 106 -16.35 24.30 -1.48
CA ILE B 106 -16.56 25.32 -2.51
C ILE B 106 -17.31 26.57 -2.00
N PRO B 107 -18.38 26.37 -1.20
CA PRO B 107 -19.10 27.53 -0.65
C PRO B 107 -18.27 28.43 0.29
N ASN B 108 -17.45 27.82 1.15
CA ASN B 108 -16.61 28.58 2.08
C ASN B 108 -15.28 29.07 1.50
N ALA B 109 -15.02 28.81 0.23
CA ALA B 109 -13.75 29.20 -0.40
C ALA B 109 -13.70 30.71 -0.61
N SER B 110 -12.93 31.39 0.24
CA SER B 110 -12.89 32.86 0.26
C SER B 110 -11.93 33.48 -0.76
N GLN B 111 -11.06 32.66 -1.35
CA GLN B 111 -10.05 33.18 -2.28
C GLN B 111 -10.10 32.46 -3.63
N ALA B 112 -9.63 33.15 -4.67
CA ALA B 112 -9.61 32.60 -6.03
C ALA B 112 -8.77 31.34 -6.09
N GLU B 113 -7.58 31.41 -5.47
CA GLU B 113 -6.69 30.26 -5.33
C GLU B 113 -7.44 29.05 -4.77
N SER B 114 -8.22 29.26 -3.72
CA SER B 114 -9.00 28.19 -3.11
C SER B 114 -10.10 27.68 -4.02
N LYS B 115 -10.84 28.60 -4.62
CA LYS B 115 -11.93 28.26 -5.53
C LYS B 115 -11.41 27.37 -6.66
N VAL B 116 -10.32 27.80 -7.27
CA VAL B 116 -9.70 27.04 -8.35
C VAL B 116 -9.28 25.65 -7.86
N PHE B 117 -8.60 25.60 -6.71
CA PHE B 117 -8.15 24.33 -6.14
C PHE B 117 -9.30 23.34 -5.99
N TYR B 118 -10.41 23.81 -5.42
CA TYR B 118 -11.56 22.95 -5.17
C TYR B 118 -12.34 22.57 -6.43
N LEU B 119 -12.36 23.46 -7.41
CA LEU B 119 -13.04 23.17 -8.68
C LEU B 119 -12.26 22.14 -9.49
N LYS B 120 -10.93 22.28 -9.51
CA LYS B 120 -10.07 21.24 -10.07
C LYS B 120 -10.36 19.90 -9.42
N MET B 121 -10.49 19.92 -8.10
CA MET B 121 -10.73 18.71 -7.34
C MET B 121 -12.09 18.10 -7.71
N LYS B 122 -13.07 18.95 -7.94
CA LYS B 122 -14.40 18.51 -8.38
C LYS B 122 -14.28 17.89 -9.78
N GLY B 123 -13.49 18.52 -10.64
CA GLY B 123 -13.22 17.97 -11.96
C GLY B 123 -12.54 16.61 -11.91
N ASP B 124 -11.52 16.50 -11.05
CA ASP B 124 -10.78 15.26 -10.88
C ASP B 124 -11.67 14.10 -10.47
N TYR B 125 -12.53 14.33 -9.49
CA TYR B 125 -13.31 13.22 -8.92
C TYR B 125 -14.50 12.82 -9.79
N TYR B 126 -15.07 13.77 -10.53
CA TYR B 126 -16.03 13.40 -11.58
C TYR B 126 -15.33 12.64 -12.71
N ARG B 127 -14.10 13.05 -13.03
CA ARG B 127 -13.30 12.33 -14.02
C ARG B 127 -13.02 10.88 -13.61
N TYR B 128 -12.78 10.64 -12.32
CA TYR B 128 -12.55 9.27 -11.85
C TYR B 128 -13.84 8.46 -11.95
N LEU B 129 -14.98 9.11 -11.72
CA LEU B 129 -16.27 8.48 -11.98
C LEU B 129 -16.43 8.20 -13.47
N ALA B 130 -15.99 9.15 -14.30
CA ALA B 130 -16.06 8.99 -15.76
C ALA B 130 -15.30 7.77 -16.25
N GLU B 131 -14.09 7.58 -15.73
CA GLU B 131 -13.25 6.42 -16.07
C GLU B 131 -14.00 5.09 -15.89
N VAL B 132 -14.89 5.06 -14.90
CA VAL B 132 -15.56 3.85 -14.48
C VAL B 132 -17.05 3.83 -14.87
N ALA B 133 -17.51 4.87 -15.56
CA ALA B 133 -18.91 4.97 -15.97
C ALA B 133 -19.13 4.31 -17.33
N ALA B 134 -20.37 3.85 -17.55
CA ALA B 134 -20.83 3.41 -18.87
C ALA B 134 -22.33 3.67 -18.99
N GLY B 135 -22.88 3.47 -20.18
CA GLY B 135 -24.31 3.65 -20.42
C GLY B 135 -24.70 5.11 -20.51
N ASP B 136 -25.93 5.42 -20.09
CA ASP B 136 -26.46 6.79 -20.13
C ASP B 136 -25.68 7.74 -19.24
N ASP B 137 -25.37 7.28 -18.03
CA ASP B 137 -24.73 8.11 -17.00
C ASP B 137 -23.46 8.84 -17.47
N LYS B 138 -22.66 8.18 -18.30
CA LYS B 138 -21.33 8.69 -18.64
C LYS B 138 -21.32 10.11 -19.20
N LYS B 139 -22.23 10.41 -20.13
CA LYS B 139 -22.27 11.74 -20.74
C LYS B 139 -22.50 12.82 -19.68
N GLY B 140 -23.41 12.55 -18.74
CA GLY B 140 -23.69 13.47 -17.64
C GLY B 140 -22.54 13.62 -16.66
N ILE B 141 -21.81 12.53 -16.42
CA ILE B 141 -20.64 12.56 -15.53
C ILE B 141 -19.49 13.34 -16.17
N VAL B 142 -19.26 13.09 -17.46
CA VAL B 142 -18.21 13.77 -18.21
C VAL B 142 -18.43 15.27 -18.28
N ASP B 143 -19.68 15.69 -18.42
CA ASP B 143 -20.01 17.11 -18.53
C ASP B 143 -19.84 17.83 -17.19
N GLN B 144 -20.13 17.15 -16.09
CA GLN B 144 -19.90 17.73 -14.76
C GLN B 144 -18.41 17.92 -14.52
N SER B 145 -17.61 16.93 -14.91
CA SER B 145 -16.16 17.05 -14.82
C SER B 145 -15.70 18.27 -15.61
N GLN B 146 -16.12 18.33 -16.86
CA GLN B 146 -15.68 19.39 -17.78
C GLN B 146 -16.08 20.79 -17.32
N GLN B 147 -17.25 20.92 -16.71
CA GLN B 147 -17.73 22.23 -16.23
C GLN B 147 -16.96 22.69 -15.00
N ALA B 148 -16.65 21.77 -14.10
CA ALA B 148 -15.84 22.07 -12.94
C ALA B 148 -14.48 22.59 -13.42
N TYR B 149 -13.84 21.84 -14.32
CA TYR B 149 -12.55 22.22 -14.87
C TYR B 149 -12.60 23.57 -15.56
N GLN B 150 -13.64 23.78 -16.37
CA GLN B 150 -13.75 24.97 -17.20
C GLN B 150 -13.89 26.24 -16.35
N GLU B 151 -14.73 26.18 -15.33
CA GLU B 151 -14.88 27.31 -14.40
C GLU B 151 -13.54 27.61 -13.71
N ALA B 152 -12.92 26.58 -13.17
CA ALA B 152 -11.58 26.68 -12.59
C ALA B 152 -10.58 27.27 -13.58
N PHE B 153 -10.66 26.83 -14.84
CA PHE B 153 -9.74 27.27 -15.88
C PHE B 153 -9.86 28.77 -16.12
N GLU B 154 -11.10 29.26 -16.18
CA GLU B 154 -11.37 30.67 -16.40
C GLU B 154 -10.90 31.52 -15.22
N ILE B 155 -11.22 31.10 -14.01
CA ILE B 155 -10.80 31.81 -12.81
C ILE B 155 -9.27 31.87 -12.72
N SER B 156 -8.59 30.77 -13.04
CA SER B 156 -7.13 30.73 -12.95
C SER B 156 -6.46 31.67 -13.96
N LYS B 157 -7.02 31.73 -15.17
CA LYS B 157 -6.50 32.62 -16.21
C LYS B 157 -6.63 34.09 -15.79
N LYS B 158 -7.75 34.44 -15.19
CA LYS B 158 -8.01 35.80 -14.76
C LYS B 158 -7.11 36.23 -13.60
N GLU B 159 -6.96 35.37 -12.59
CA GLU B 159 -6.41 35.81 -11.31
C GLU B 159 -5.07 35.20 -10.84
N MET B 160 -4.53 34.22 -11.55
CA MET B 160 -3.22 33.66 -11.20
C MET B 160 -2.22 33.82 -12.34
N GLN B 161 -0.96 33.97 -12.00
CA GLN B 161 0.12 34.03 -12.99
C GLN B 161 0.30 32.67 -13.67
N PRO B 162 0.86 32.66 -14.89
CA PRO B 162 1.08 31.39 -15.63
C PRO B 162 1.96 30.37 -14.91
N THR B 163 2.80 30.82 -13.97
CA THR B 163 3.71 29.94 -13.26
C THR B 163 3.17 29.44 -11.93
N HIS B 164 1.93 29.83 -11.58
CA HIS B 164 1.35 29.36 -10.32
C HIS B 164 1.11 27.86 -10.37
N PRO B 165 1.54 27.12 -9.33
CA PRO B 165 1.42 25.65 -9.35
C PRO B 165 -0.01 25.14 -9.52
N ILE B 166 -0.98 25.86 -8.97
CA ILE B 166 -2.38 25.47 -9.06
C ILE B 166 -2.91 25.69 -10.48
N ARG B 167 -2.55 26.81 -11.09
CA ARG B 167 -2.91 27.07 -12.48
C ARG B 167 -2.27 26.03 -13.41
N LEU B 168 -0.99 25.75 -13.21
CA LEU B 168 -0.30 24.73 -13.99
C LEU B 168 -0.92 23.34 -13.77
N GLY B 169 -1.13 22.99 -12.51
CA GLY B 169 -1.72 21.70 -12.15
C GLY B 169 -3.10 21.50 -12.79
N LEU B 170 -3.87 22.58 -12.85
CA LEU B 170 -5.16 22.56 -13.51
C LEU B 170 -4.99 22.30 -15.00
N ALA B 171 -4.10 23.05 -15.64
CA ALA B 171 -3.80 22.83 -17.06
C ALA B 171 -3.45 21.37 -17.31
N LEU B 172 -2.64 20.78 -16.45
CA LEU B 172 -2.22 19.39 -16.60
C LEU B 172 -3.42 18.44 -16.56
N ASN B 173 -4.23 18.56 -15.51
CA ASN B 173 -5.34 17.64 -15.31
C ASN B 173 -6.44 17.82 -16.35
N PHE B 174 -6.69 19.06 -16.74
CA PHE B 174 -7.70 19.38 -17.75
C PHE B 174 -7.26 18.84 -19.11
N SER B 175 -5.97 18.96 -19.41
CA SER B 175 -5.41 18.40 -20.64
C SER B 175 -5.59 16.88 -20.66
N VAL B 176 -5.30 16.25 -19.52
CA VAL B 176 -5.48 14.80 -19.39
C VAL B 176 -6.96 14.41 -19.53
N PHE B 177 -7.86 15.24 -19.02
CA PHE B 177 -9.29 15.01 -19.20
C PHE B 177 -9.64 14.96 -20.69
N TYR B 178 -9.14 15.92 -21.45
CA TYR B 178 -9.41 15.98 -22.89
C TYR B 178 -8.87 14.76 -23.61
N TYR B 179 -7.65 14.36 -23.29
CA TYR B 179 -7.01 13.24 -23.95
C TYR B 179 -7.67 11.91 -23.63
N GLU B 180 -7.95 11.67 -22.35
CA GLU B 180 -8.35 10.34 -21.88
C GLU B 180 -9.85 10.12 -21.76
N ILE B 181 -10.61 11.18 -21.47
CA ILE B 181 -12.05 11.05 -21.25
C ILE B 181 -12.85 11.51 -22.46
N LEU B 182 -12.45 12.63 -23.06
CA LEU B 182 -13.12 13.14 -24.27
C LEU B 182 -12.50 12.62 -25.56
N ASN B 183 -11.33 12.00 -25.47
CA ASN B 183 -10.59 11.58 -26.67
C ASN B 183 -10.51 12.73 -27.67
N SER B 184 -9.91 13.83 -27.22
CA SER B 184 -9.70 15.02 -28.04
C SER B 184 -8.21 15.37 -27.99
N PRO B 185 -7.36 14.55 -28.62
CA PRO B 185 -5.91 14.73 -28.51
C PRO B 185 -5.42 16.14 -28.87
N GLU B 186 -6.07 16.77 -29.85
CA GLU B 186 -5.62 18.07 -30.33
C GLU B 186 -5.90 19.18 -29.34
N LYS B 187 -7.05 19.11 -28.68
CA LYS B 187 -7.39 20.05 -27.62
C LYS B 187 -6.49 19.83 -26.39
N ALA B 188 -6.21 18.55 -26.10
CA ALA B 188 -5.34 18.21 -24.99
C ALA B 188 -3.93 18.77 -25.20
N CYS B 189 -3.42 18.68 -26.42
CA CYS B 189 -2.07 19.13 -26.73
C CYS B 189 -1.97 20.65 -26.74
N SER B 190 -2.95 21.31 -27.34
CA SER B 190 -2.92 22.77 -27.44
C SER B 190 -3.03 23.41 -26.05
N LEU B 191 -3.85 22.81 -25.19
CA LEU B 191 -4.01 23.27 -23.82
C LEU B 191 -2.70 23.08 -23.05
N ALA B 192 -2.13 21.89 -23.16
CA ALA B 192 -0.86 21.58 -22.50
C ALA B 192 0.30 22.46 -23.00
N LYS B 193 0.33 22.71 -24.31
CA LYS B 193 1.43 23.48 -24.91
C LYS B 193 1.43 24.95 -24.49
N THR B 194 0.25 25.57 -24.49
CA THR B 194 0.16 26.99 -24.15
C THR B 194 0.50 27.20 -22.67
N ALA B 195 0.01 26.31 -21.80
CA ALA B 195 0.32 26.39 -20.38
C ALA B 195 1.83 26.28 -20.15
N PHE B 196 2.48 25.33 -20.80
CA PHE B 196 3.94 25.22 -20.74
C PHE B 196 4.61 26.49 -21.25
N ASP B 197 4.24 26.90 -22.47
CA ASP B 197 4.87 28.04 -23.12
C ASP B 197 4.69 29.35 -22.35
N GLU B 198 3.47 29.62 -21.89
CA GLU B 198 3.19 30.83 -21.13
C GLU B 198 3.97 30.85 -19.82
N ALA B 199 4.21 29.67 -19.24
CA ALA B 199 4.99 29.55 -18.02
C ALA B 199 6.46 29.77 -18.30
N ILE B 200 6.95 29.22 -19.41
CA ILE B 200 8.35 29.37 -19.79
C ILE B 200 8.68 30.84 -20.08
N ALA B 201 7.71 31.55 -20.66
CA ALA B 201 7.86 32.96 -21.02
C ALA B 201 7.89 33.89 -19.80
N GLU B 202 7.38 33.42 -18.68
CA GLU B 202 7.33 34.21 -17.45
C GLU B 202 8.72 34.30 -16.82
N LEU B 203 9.27 35.52 -16.84
CA LEU B 203 10.63 35.79 -16.35
C LEU B 203 10.66 37.01 -15.41
N ASP B 204 10.99 36.83 -14.12
CA ASP B 204 11.33 35.53 -13.51
C ASP B 204 10.06 34.74 -13.20
N GLU B 208 8.06 33.33 -10.29
CA GLU B 208 8.11 32.13 -9.46
C GLU B 208 8.84 32.41 -8.13
N GLU B 209 8.20 32.08 -7.00
CA GLU B 209 8.81 32.22 -5.66
C GLU B 209 9.37 30.87 -5.18
N SER B 210 8.47 29.92 -4.93
CA SER B 210 8.83 28.51 -4.72
C SER B 210 8.45 27.73 -5.99
N TYR B 211 9.40 27.62 -6.92
CA TYR B 211 9.13 27.12 -8.27
C TYR B 211 9.47 25.64 -8.48
N LYS B 212 9.72 24.90 -7.40
CA LYS B 212 9.97 23.46 -7.49
C LYS B 212 8.73 22.73 -8.00
N ASP B 213 7.60 22.99 -7.36
CA ASP B 213 6.32 22.39 -7.75
C ASP B 213 5.92 22.81 -9.16
N SER B 214 6.07 24.09 -9.48
CA SER B 214 5.68 24.62 -10.78
C SER B 214 6.48 23.99 -11.91
N THR B 215 7.80 23.94 -11.77
CA THR B 215 8.66 23.37 -12.79
C THR B 215 8.45 21.85 -12.90
N LEU B 216 8.05 21.22 -11.82
CA LEU B 216 7.73 19.79 -11.86
C LEU B 216 6.53 19.52 -12.77
N ILE B 217 5.50 20.36 -12.66
CA ILE B 217 4.30 20.23 -13.49
C ILE B 217 4.61 20.58 -14.95
N MET B 218 5.44 21.60 -15.17
CA MET B 218 5.93 21.93 -16.51
C MET B 218 6.61 20.74 -17.18
N GLN B 219 7.41 20.00 -16.41
CA GLN B 219 8.07 18.81 -16.92
C GLN B 219 7.04 17.75 -17.30
N LEU B 220 6.02 17.59 -16.47
CA LEU B 220 4.93 16.64 -16.74
C LEU B 220 4.10 17.07 -17.95
N LEU B 221 3.90 18.38 -18.12
CA LEU B 221 3.16 18.88 -19.27
C LEU B 221 3.89 18.53 -20.56
N ARG B 222 5.19 18.77 -20.60
CA ARG B 222 5.99 18.50 -21.79
C ARG B 222 6.11 16.99 -22.07
N ASP B 223 6.26 16.18 -21.03
CA ASP B 223 6.28 14.72 -21.18
C ASP B 223 4.99 14.23 -21.84
N ASN B 224 3.86 14.77 -21.41
CA ASN B 224 2.58 14.47 -22.04
C ASN B 224 2.57 14.87 -23.51
N LEU B 225 3.09 16.05 -23.82
CA LEU B 225 3.20 16.49 -25.21
C LEU B 225 4.07 15.57 -26.05
N THR B 226 5.21 15.16 -25.49
CA THR B 226 6.10 14.22 -26.17
C THR B 226 5.39 12.88 -26.41
N LEU B 227 4.67 12.39 -25.39
CA LEU B 227 3.97 11.12 -25.48
C LEU B 227 2.81 11.14 -26.47
N TRP B 228 2.07 12.25 -26.48
CA TRP B 228 0.89 12.36 -27.34
C TRP B 228 1.21 12.73 -28.79
N THR B 229 2.39 13.30 -29.02
CA THR B 229 2.86 13.58 -30.38
C THR B 229 3.84 12.49 -30.83
N SER B 230 3.41 11.67 -31.79
CA SER B 230 4.24 10.57 -32.32
C SER B 230 4.58 10.80 -33.78
OAF DW8 C . 11.11 -9.65 9.79
PBO DW8 C . 11.04 -10.40 8.40
OAG DW8 C . 10.11 -9.39 7.55
OAE DW8 C . 10.31 -11.65 8.61
CBN DW8 C . 12.63 -10.48 7.70
CAN DW8 C . 13.12 -11.74 7.35
CAI DW8 C . 14.40 -11.87 6.80
CAH DW8 C . 15.19 -10.74 6.60
CAM DW8 C . 14.70 -9.48 6.95
CBM DW8 C . 13.42 -9.35 7.50
OBG DW8 C . 12.88 -8.15 7.88
CAZ DW8 C . 13.23 -7.03 7.05
CBI DW8 C . 12.01 -6.12 6.88
OAC DW8 C . 12.16 -4.94 6.55
NBC DW8 C . 10.83 -6.72 7.11
CBK DW8 C . 9.69 -6.04 6.97
CAO DW8 C . 8.78 -6.47 6.00
CAK DW8 C . 9.38 -4.95 7.76
CAJ DW8 C . 8.18 -4.26 7.58
CAL DW8 C . 7.27 -4.70 6.61
CBL DW8 C . 7.56 -5.81 5.81
CBJ DW8 C . 6.68 -6.27 4.83
OAD DW8 C . 6.51 -7.48 4.66
NBB DW8 C . 6.07 -5.35 4.07
CAR DW8 C . 5.15 -5.70 2.99
CAS DW8 C . 5.97 -5.59 1.69
OBD DW8 C . 6.83 -6.73 1.57
CAT DW8 C . 7.79 -6.55 0.54
CAU DW8 C . 9.06 -6.04 1.23
OBE DW8 C . 9.46 -6.95 2.27
CAV DW8 C . 10.86 -7.16 2.36
CAW DW8 C . 11.01 -8.48 3.11
OBF DW8 C . 12.39 -8.85 3.23
CAX DW8 C . 12.52 -10.18 3.68
CAY DW8 C . 12.75 -10.97 2.39
CBH DW8 C . 13.02 -12.46 2.69
OAB DW8 C . 12.56 -13.01 3.70
NBA DW8 C . 13.76 -13.09 1.75
CAQ DW8 C . 14.12 -14.52 1.85
C BEZ D . 28.13 -14.00 -1.99
O1 BEZ D . 28.87 -13.12 -2.49
O2 BEZ D . 27.51 -13.81 -0.92
C1 BEZ D . 28.01 -15.31 -2.70
C2 BEZ D . 26.92 -16.13 -2.44
C3 BEZ D . 26.81 -17.35 -3.10
C4 BEZ D . 27.78 -17.75 -4.01
C5 BEZ D . 28.88 -16.92 -4.25
C6 BEZ D . 28.99 -15.71 -3.59
C1 GOL E . -5.83 8.13 15.32
O1 GOL E . -4.75 8.51 14.45
C2 GOL E . -7.14 8.06 14.54
O2 GOL E . -6.89 7.79 13.17
C3 GOL E . -8.09 6.99 15.10
O3 GOL E . -8.07 6.93 16.53
OAF DW8 F . -5.56 10.80 -13.41
PBO DW8 F . -4.65 11.58 -12.38
OAG DW8 F . -4.05 10.42 -11.47
OAE DW8 F . -5.56 12.43 -11.58
CBN DW8 F . -3.35 12.31 -13.26
CAN DW8 F . -3.24 13.70 -13.27
CAI DW8 F . -2.21 14.32 -13.98
CAH DW8 F . -1.28 13.54 -14.68
CAM DW8 F . -1.38 12.15 -14.67
CBM DW8 F . -2.41 11.54 -13.95
OBG DW8 F . -2.60 10.18 -13.89
CAZ DW8 F . -1.43 9.33 -13.95
CBI DW8 F . -1.68 8.11 -13.08
OAC DW8 F . -1.00 7.09 -13.21
NBC DW8 F . -2.68 8.28 -12.19
CBK DW8 F . -2.97 7.32 -11.31
CAO DW8 F . -2.77 7.62 -9.97
CAK DW8 F . -3.46 6.07 -11.68
CAJ DW8 F . -3.74 5.13 -10.69
CAL DW8 F . -3.54 5.44 -9.34
CBL DW8 F . -3.05 6.68 -8.97
CBJ DW8 F . -2.84 7.07 -7.64
OAD DW8 F . -3.07 8.23 -7.30
NBB DW8 F . -2.39 6.14 -6.78
CAR DW8 F . -2.17 6.49 -5.39
CAS DW8 F . -0.65 6.62 -5.22
OBD DW8 F . -0.24 7.90 -5.72
CAT DW8 F . 1.17 8.05 -5.59
CAU DW8 F . 1.56 9.18 -6.55
OBE DW8 F . 0.89 9.04 -7.82
CAV DW8 F . 1.36 10.00 -8.74
CAW DW8 F . 0.10 10.72 -9.26
OBF DW8 F . 0.30 11.12 -10.63
CAX DW8 F . -0.19 12.42 -10.91
CAY DW8 F . 0.98 13.37 -10.62
CBH DW8 F . 0.53 14.81 -10.34
OAB DW8 F . -0.66 15.11 -10.27
NBA DW8 F . 1.54 15.69 -10.18
CAQ DW8 F . 1.33 17.12 -9.89
C BEZ G . 11.63 20.74 -18.98
O1 BEZ G . 12.67 20.17 -19.39
O2 BEZ G . 10.50 20.23 -19.13
C1 BEZ G . 11.74 22.07 -18.31
C2 BEZ G . 12.90 22.83 -18.44
C3 BEZ G . 12.99 24.07 -17.81
C4 BEZ G . 11.92 24.54 -17.05
C5 BEZ G . 10.77 23.78 -16.93
C6 BEZ G . 10.67 22.54 -17.55
C1 GOL H . -12.27 -11.54 -3.47
O1 GOL H . -11.19 -11.67 -4.43
C2 GOL H . -13.57 -11.21 -4.20
O2 GOL H . -13.60 -11.85 -5.50
C3 GOL H . -14.77 -11.66 -3.39
O3 GOL H . -15.97 -11.40 -4.13
#